data_9DT9
#
_entry.id   9DT9
#
_cell.length_a   41.467
_cell.length_b   60.459
_cell.length_c   51.880
_cell.angle_alpha   90.000
_cell.angle_beta   94.090
_cell.angle_gamma   90.000
#
_symmetry.space_group_name_H-M   'P 1 21 1'
#
loop_
_entity.id
_entity.type
_entity.pdbx_description
1 polymer 231_C2_TrkA
2 water water
#
_entity_poly.entity_id   1
_entity_poly.type   'polypeptide(L)'
_entity_poly.pdbx_seq_one_letter_code
;MSGKEEIKEAIKKAVVRARVTGDPKYLEEAKALLEKLKELDEEDKDVEKFEKAIKQVEAELTLKEAKEVVKRLFEEGRPE
DAAREAFEYLQKLLDIGSPEAVKELLQFLRELLGSG
;
_entity_poly.pdbx_strand_id   A,B
#
# COMPACT_ATOMS: atom_id res chain seq x y z
N SER A 2 28.75 0.65 -1.56
CA SER A 2 28.37 2.05 -1.44
C SER A 2 27.28 2.44 -2.44
N GLY A 3 27.66 2.47 -3.72
CA GLY A 3 26.73 2.92 -4.74
C GLY A 3 25.53 2.01 -4.92
N LYS A 4 25.71 0.70 -4.66
CA LYS A 4 24.62 -0.24 -4.88
C LYS A 4 23.54 -0.10 -3.81
N GLU A 5 23.95 0.12 -2.56
CA GLU A 5 22.97 0.28 -1.49
C GLU A 5 22.22 1.60 -1.60
N GLU A 6 22.87 2.63 -2.13
CA GLU A 6 22.18 3.91 -2.31
C GLU A 6 21.07 3.79 -3.35
N ILE A 7 21.23 2.92 -4.33
CA ILE A 7 20.16 2.66 -5.29
C ILE A 7 19.02 1.91 -4.60
N LYS A 8 19.36 0.96 -3.74
CA LYS A 8 18.33 0.16 -3.07
C LYS A 8 17.53 1.00 -2.09
N GLU A 9 18.19 1.89 -1.35
CA GLU A 9 17.47 2.78 -0.45
C GLU A 9 16.54 3.71 -1.22
N ALA A 10 17.00 4.22 -2.37
CA ALA A 10 16.15 5.07 -3.18
C ALA A 10 14.95 4.33 -3.74
N ILE A 11 15.12 3.04 -4.06
CA ILE A 11 13.99 2.25 -4.55
C ILE A 11 12.93 2.11 -3.46
N LYS A 12 13.35 1.75 -2.24
CA LYS A 12 12.40 1.61 -1.15
C LYS A 12 11.67 2.92 -0.87
N LYS A 13 12.39 4.04 -0.92
CA LYS A 13 11.77 5.33 -0.62
C LYS A 13 10.74 5.70 -1.67
N ALA A 14 11.00 5.37 -2.95
CA ALA A 14 10.02 5.66 -4.00
C ALA A 14 8.81 4.75 -3.87
N VAL A 15 9.02 3.50 -3.47
CA VAL A 15 7.89 2.58 -3.29
C VAL A 15 7.03 3.03 -2.12
N VAL A 16 7.64 3.54 -1.06
CA VAL A 16 6.88 4.08 0.06
C VAL A 16 6.11 5.33 -0.37
N ARG A 17 6.76 6.21 -1.13
CA ARG A 17 6.09 7.44 -1.57
C ARG A 17 4.93 7.14 -2.50
N ALA A 18 5.08 6.13 -3.37
CA ALA A 18 3.99 5.74 -4.26
C ALA A 18 2.78 5.23 -3.49
N ARG A 19 3.02 4.55 -2.35
CA ARG A 19 1.91 3.99 -1.58
C ARG A 19 1.19 5.06 -0.75
N VAL A 20 1.94 5.99 -0.16
CA VAL A 20 1.32 6.95 0.74
C VAL A 20 0.68 8.10 -0.03
N THR A 21 1.18 8.42 -1.23
CA THR A 21 0.63 9.50 -2.04
C THR A 21 -0.33 9.03 -3.11
N GLY A 22 -0.15 7.82 -3.62
CA GLY A 22 -0.95 7.36 -4.75
C GLY A 22 -0.52 7.94 -6.08
N ASP A 23 0.62 8.63 -6.14
CA ASP A 23 1.09 9.23 -7.37
C ASP A 23 1.92 8.23 -8.15
N PRO A 24 1.55 7.88 -9.39
CA PRO A 24 2.33 6.89 -10.15
C PRO A 24 3.70 7.39 -10.57
N LYS A 25 4.03 8.66 -10.37
CA LYS A 25 5.35 9.16 -10.75
C LYS A 25 6.44 8.55 -9.88
N TYR A 26 6.12 8.16 -8.65
CA TYR A 26 7.09 7.47 -7.82
C TYR A 26 7.26 6.02 -8.27
N LEU A 27 6.23 5.43 -8.87
CA LEU A 27 6.35 4.08 -9.41
C LEU A 27 7.30 4.05 -10.61
N GLU A 28 7.14 5.01 -11.53
CA GLU A 28 8.05 5.06 -12.67
C GLU A 28 9.46 5.46 -12.23
N GLU A 29 9.58 6.19 -11.13
CA GLU A 29 10.89 6.45 -10.55
C GLU A 29 11.52 5.17 -10.01
N ALA A 30 10.70 4.33 -9.36
CA ALA A 30 11.23 3.08 -8.82
C ALA A 30 11.66 2.13 -9.93
N LYS A 31 10.93 2.11 -11.05
CA LYS A 31 11.30 1.25 -12.17
C LYS A 31 12.62 1.71 -12.79
N ALA A 32 12.85 3.03 -12.87
CA ALA A 32 14.10 3.53 -13.43
C ALA A 32 15.28 3.17 -12.53
N LEU A 33 15.10 3.26 -11.22
CA LEU A 33 16.18 2.93 -10.30
C LEU A 33 16.48 1.43 -10.31
N LEU A 34 15.45 0.60 -10.43
CA LEU A 34 15.67 -0.85 -10.52
C LEU A 34 16.41 -1.21 -11.81
N GLU A 35 16.11 -0.52 -12.90
CA GLU A 35 16.80 -0.78 -14.15
C GLU A 35 18.28 -0.42 -14.06
N LYS A 36 18.60 0.62 -13.29
CA LYS A 36 20.01 0.95 -13.05
C LYS A 36 20.67 -0.10 -12.18
N LEU A 37 19.92 -0.73 -11.27
CA LEU A 37 20.48 -1.78 -10.44
C LEU A 37 20.84 -3.02 -11.25
N LYS A 38 19.94 -3.44 -12.15
CA LYS A 38 20.17 -4.64 -12.94
C LYS A 38 21.38 -4.49 -13.85
N GLU A 39 21.56 -3.31 -14.45
CA GLU A 39 22.72 -3.09 -15.30
C GLU A 39 24.00 -2.99 -14.49
N LEU A 40 23.90 -2.53 -13.24
CA LEU A 40 25.07 -2.53 -12.36
C LEU A 40 25.45 -3.94 -11.95
N ASP A 41 24.46 -4.75 -11.58
CA ASP A 41 24.71 -6.14 -11.18
C ASP A 41 23.45 -6.94 -11.51
N GLU A 42 23.52 -7.72 -12.58
CA GLU A 42 22.37 -8.55 -12.97
C GLU A 42 22.01 -9.55 -11.87
N GLU A 43 23.01 -10.10 -11.20
CA GLU A 43 22.84 -11.18 -10.24
C GLU A 43 22.62 -10.68 -8.82
N ASP A 44 22.23 -9.42 -8.65
CA ASP A 44 22.04 -8.89 -7.30
C ASP A 44 20.90 -9.61 -6.59
N LYS A 45 21.15 -9.97 -5.32
CA LYS A 45 20.22 -10.82 -4.58
C LYS A 45 18.88 -10.13 -4.30
N ASP A 46 18.82 -8.81 -4.44
CA ASP A 46 17.60 -8.07 -4.12
C ASP A 46 16.81 -7.65 -5.36
N VAL A 47 17.27 -8.02 -6.56
CA VAL A 47 16.56 -7.64 -7.78
C VAL A 47 15.16 -8.24 -7.79
N GLU A 48 15.05 -9.52 -7.43
CA GLU A 48 13.75 -10.18 -7.44
C GLU A 48 12.78 -9.54 -6.46
N LYS A 49 13.26 -9.19 -5.26
CA LYS A 49 12.40 -8.59 -4.24
C LYS A 49 11.83 -7.26 -4.74
N PHE A 50 12.68 -6.40 -5.29
CA PHE A 50 12.22 -5.10 -5.76
C PHE A 50 11.28 -5.23 -6.96
N GLU A 51 11.49 -6.24 -7.81
CA GLU A 51 10.60 -6.46 -8.94
C GLU A 51 9.19 -6.79 -8.46
N LYS A 52 9.07 -7.62 -7.43
CA LYS A 52 7.74 -7.97 -6.92
C LYS A 52 7.07 -6.77 -6.26
N ALA A 53 7.83 -6.01 -5.46
CA ALA A 53 7.26 -4.84 -4.79
C ALA A 53 6.74 -3.82 -5.78
N ILE A 54 7.43 -3.65 -6.91
CA ILE A 54 7.00 -2.68 -7.91
C ILE A 54 5.71 -3.15 -8.59
N LYS A 55 5.61 -4.44 -8.88
CA LYS A 55 4.35 -4.99 -9.38
C LYS A 55 3.24 -4.83 -8.34
N GLN A 56 3.56 -5.08 -7.07
CA GLN A 56 2.56 -4.95 -6.01
C GLN A 56 1.97 -3.56 -5.97
N VAL A 57 2.83 -2.53 -5.99
CA VAL A 57 2.35 -1.15 -5.97
C VAL A 57 1.50 -0.86 -7.19
N GLU A 58 1.91 -1.36 -8.36
CA GLU A 58 1.16 -1.10 -9.58
C GLU A 58 -0.24 -1.72 -9.51
N ALA A 59 -0.34 -2.92 -8.95
CA ALA A 59 -1.65 -3.54 -8.77
C ALA A 59 -2.51 -2.76 -7.77
N GLU A 60 -1.88 -2.29 -6.68
CA GLU A 60 -2.63 -1.55 -5.66
C GLU A 60 -3.21 -0.26 -6.22
N LEU A 61 -2.42 0.49 -7.00
CA LEU A 61 -2.91 1.74 -7.56
C LEU A 61 -4.05 1.49 -8.55
N THR A 62 -3.90 0.48 -9.42
CA THR A 62 -4.97 0.15 -10.35
C THR A 62 -6.22 -0.33 -9.61
N LEU A 63 -6.02 -1.15 -8.58
CA LEU A 63 -7.15 -1.65 -7.79
C LEU A 63 -7.92 -0.50 -7.15
N LYS A 64 -7.20 0.45 -6.55
CA LYS A 64 -7.85 1.60 -5.93
C LYS A 64 -8.65 2.41 -6.96
N GLU A 65 -8.07 2.64 -8.13
CA GLU A 65 -8.78 3.37 -9.17
C GLU A 65 -9.97 2.57 -9.68
N ALA A 66 -9.81 1.25 -9.81
CA ALA A 66 -10.91 0.41 -10.27
C ALA A 66 -12.08 0.44 -9.30
N LYS A 67 -11.79 0.36 -7.99
CA LYS A 67 -12.85 0.36 -7.00
C LYS A 67 -13.65 1.65 -7.03
N GLU A 68 -12.98 2.79 -7.27
CA GLU A 68 -13.67 4.07 -7.26
C GLU A 68 -14.52 4.26 -8.51
N VAL A 69 -14.06 3.77 -9.66
CA VAL A 69 -14.79 3.98 -10.91
C VAL A 69 -16.02 3.10 -10.96
N VAL A 70 -15.85 1.80 -10.70
CA VAL A 70 -16.96 0.87 -10.84
C VAL A 70 -18.04 1.12 -9.80
N LYS A 71 -17.63 1.47 -8.57
CA LYS A 71 -18.61 1.76 -7.53
C LYS A 71 -19.43 3.00 -7.88
N ARG A 72 -18.79 4.01 -8.46
CA ARG A 72 -19.53 5.23 -8.81
C ARG A 72 -20.48 5.00 -9.96
N LEU A 73 -20.05 4.29 -11.01
CA LEU A 73 -20.90 4.06 -12.16
C LEU A 73 -22.10 3.20 -11.80
N PHE A 74 -21.94 2.24 -10.89
CA PHE A 74 -23.09 1.48 -10.42
C PHE A 74 -24.01 2.33 -9.54
N GLU A 75 -23.44 3.27 -8.78
CA GLU A 75 -24.26 4.13 -7.93
C GLU A 75 -25.09 5.10 -8.76
N GLU A 76 -24.51 5.62 -9.85
CA GLU A 76 -25.17 6.62 -10.68
C GLU A 76 -26.09 6.00 -11.73
N GLY A 77 -26.48 4.74 -11.57
CA GLY A 77 -27.43 4.12 -12.47
C GLY A 77 -26.88 3.84 -13.86
N ARG A 78 -25.61 3.44 -13.96
CA ARG A 78 -24.98 3.10 -15.23
C ARG A 78 -24.40 1.70 -15.14
N PRO A 79 -25.25 0.67 -15.11
CA PRO A 79 -24.73 -0.70 -14.91
C PRO A 79 -23.89 -1.19 -16.07
N GLU A 80 -24.23 -0.83 -17.31
CA GLU A 80 -23.48 -1.32 -18.46
C GLU A 80 -22.11 -0.65 -18.54
N ASP A 81 -22.03 0.65 -18.22
CA ASP A 81 -20.74 1.32 -18.19
C ASP A 81 -19.87 0.79 -17.06
N ALA A 82 -20.48 0.46 -15.92
CA ALA A 82 -19.72 -0.05 -14.79
C ALA A 82 -19.10 -1.40 -15.10
N ALA A 83 -19.89 -2.31 -15.67
CA ALA A 83 -19.39 -3.65 -15.98
C ALA A 83 -18.29 -3.59 -17.03
N ARG A 84 -18.42 -2.69 -18.00
CA ARG A 84 -17.38 -2.56 -19.04
C ARG A 84 -16.06 -2.11 -18.42
N GLU A 85 -16.11 -1.11 -17.53
CA GLU A 85 -14.90 -0.67 -16.84
C GLU A 85 -14.34 -1.78 -15.96
N ALA A 86 -15.22 -2.53 -15.29
CA ALA A 86 -14.77 -3.60 -14.41
C ALA A 86 -14.01 -4.68 -15.17
N PHE A 87 -14.48 -5.01 -16.38
CA PHE A 87 -13.79 -6.02 -17.19
C PHE A 87 -12.41 -5.54 -17.61
N GLU A 88 -12.30 -4.25 -17.97
CA GLU A 88 -11.01 -3.73 -18.40
C GLU A 88 -10.03 -3.63 -17.24
N TYR A 89 -10.52 -3.23 -16.06
CA TYR A 89 -9.65 -3.19 -14.89
C TYR A 89 -9.23 -4.59 -14.46
N LEU A 90 -10.12 -5.57 -14.61
CA LEU A 90 -9.71 -6.96 -14.42
C LEU A 90 -8.60 -7.34 -15.40
N GLN A 91 -8.71 -6.91 -16.65
CA GLN A 91 -7.67 -7.19 -17.64
C GLN A 91 -6.36 -6.53 -17.23
N LYS A 92 -6.42 -5.30 -16.74
CA LYS A 92 -5.19 -4.61 -16.35
C LYS A 92 -4.51 -5.31 -15.18
N LEU A 93 -5.29 -5.82 -14.23
CA LEU A 93 -4.71 -6.52 -13.09
C LEU A 93 -4.12 -7.87 -13.49
N LEU A 94 -4.74 -8.54 -14.46
CA LEU A 94 -4.19 -9.80 -14.95
C LEU A 94 -2.90 -9.58 -15.72
N ASP A 95 -2.84 -8.51 -16.52
CA ASP A 95 -1.62 -8.18 -17.23
C ASP A 95 -0.49 -7.85 -16.26
N ILE A 96 -0.80 -7.07 -15.22
CA ILE A 96 0.20 -6.75 -14.20
C ILE A 96 0.71 -8.01 -13.51
N GLY A 97 -0.21 -8.90 -13.13
CA GLY A 97 0.17 -10.14 -12.49
C GLY A 97 0.10 -10.06 -10.98
N SER A 98 -1.11 -10.06 -10.43
CA SER A 98 -1.31 -10.00 -8.99
C SER A 98 -2.58 -10.78 -8.65
N PRO A 99 -2.44 -12.05 -8.28
CA PRO A 99 -3.63 -12.83 -7.91
C PRO A 99 -4.40 -12.25 -6.75
N GLU A 100 -3.71 -11.61 -5.79
CA GLU A 100 -4.41 -11.01 -4.66
C GLU A 100 -5.27 -9.83 -5.09
N ALA A 101 -4.76 -9.00 -6.00
CA ALA A 101 -5.53 -7.86 -6.47
C ALA A 101 -6.71 -8.31 -7.32
N VAL A 102 -6.53 -9.35 -8.12
CA VAL A 102 -7.63 -9.87 -8.93
C VAL A 102 -8.72 -10.45 -8.04
N LYS A 103 -8.34 -11.22 -7.02
CA LYS A 103 -9.33 -11.80 -6.11
C LYS A 103 -10.07 -10.73 -5.33
N GLU A 104 -9.40 -9.64 -4.97
CA GLU A 104 -10.06 -8.59 -4.20
C GLU A 104 -11.03 -7.81 -5.06
N LEU A 105 -10.66 -7.52 -6.32
CA LEU A 105 -11.58 -6.79 -7.19
C LEU A 105 -12.85 -7.59 -7.43
N LEU A 106 -12.72 -8.89 -7.71
CA LEU A 106 -13.89 -9.73 -7.93
C LEU A 106 -14.74 -9.82 -6.67
N GLN A 107 -14.10 -9.96 -5.50
CA GLN A 107 -14.84 -9.95 -4.24
C GLN A 107 -15.52 -8.59 -4.02
N PHE A 108 -14.83 -7.51 -4.37
CA PHE A 108 -15.42 -6.17 -4.29
C PHE A 108 -16.63 -6.05 -5.20
N LEU A 109 -16.61 -6.72 -6.35
CA LEU A 109 -17.70 -6.58 -7.31
C LEU A 109 -18.91 -7.42 -6.89
N ARG A 110 -18.69 -8.60 -6.32
CA ARG A 110 -19.82 -9.42 -5.88
C ARG A 110 -20.48 -8.84 -4.63
N GLU A 111 -19.76 -8.04 -3.85
CA GLU A 111 -20.39 -7.35 -2.73
C GLU A 111 -21.20 -6.14 -3.19
N LEU A 112 -20.79 -5.51 -4.29
CA LEU A 112 -21.55 -4.39 -4.83
C LEU A 112 -22.93 -4.83 -5.31
N LEU A 113 -23.00 -5.96 -6.00
CA LEU A 113 -24.25 -6.41 -6.62
C LEU A 113 -24.97 -7.45 -5.76
N SER B 2 13.67 -23.97 6.76
CA SER B 2 12.36 -24.51 6.45
C SER B 2 11.28 -23.91 7.35
N GLY B 3 11.47 -24.04 8.67
CA GLY B 3 10.51 -23.45 9.59
C GLY B 3 10.52 -21.94 9.56
N LYS B 4 11.69 -21.34 9.36
CA LYS B 4 11.79 -19.89 9.32
C LYS B 4 11.26 -19.32 8.01
N GLU B 5 11.53 -20.00 6.89
CA GLU B 5 11.08 -19.49 5.61
C GLU B 5 9.56 -19.55 5.46
N GLU B 6 8.92 -20.54 6.08
CA GLU B 6 7.46 -20.62 6.02
C GLU B 6 6.82 -19.49 6.82
N ILE B 7 7.43 -19.10 7.94
CA ILE B 7 6.91 -17.99 8.71
C ILE B 7 7.06 -16.69 7.94
N LYS B 8 8.21 -16.48 7.29
CA LYS B 8 8.46 -15.24 6.57
C LYS B 8 7.53 -15.10 5.37
N GLU B 9 7.31 -16.19 4.62
CA GLU B 9 6.40 -16.15 3.49
C GLU B 9 4.98 -15.83 3.94
N ALA B 10 4.57 -16.34 5.10
CA ALA B 10 3.24 -16.01 5.62
C ALA B 10 3.17 -14.56 6.07
N ILE B 11 4.28 -14.00 6.57
CA ILE B 11 4.32 -12.58 6.90
C ILE B 11 4.08 -11.74 5.64
N LYS B 12 4.78 -12.08 4.55
CA LYS B 12 4.62 -11.33 3.31
C LYS B 12 3.19 -11.42 2.79
N LYS B 13 2.59 -12.61 2.84
CA LYS B 13 1.23 -12.78 2.36
C LYS B 13 0.25 -11.93 3.15
N ALA B 14 0.38 -11.93 4.48
CA ALA B 14 -0.51 -11.12 5.30
C ALA B 14 -0.32 -9.64 5.04
N VAL B 15 0.92 -9.21 4.77
CA VAL B 15 1.17 -7.80 4.49
C VAL B 15 0.55 -7.40 3.15
N VAL B 16 0.66 -8.28 2.15
CA VAL B 16 0.04 -8.02 0.85
C VAL B 16 -1.48 -7.93 0.99
N ARG B 17 -2.07 -8.90 1.68
CA ARG B 17 -3.53 -8.91 1.85
C ARG B 17 -4.01 -7.69 2.64
N ALA B 18 -3.22 -7.25 3.62
CA ALA B 18 -3.57 -6.04 4.36
C ALA B 18 -3.65 -4.84 3.43
N ARG B 19 -2.67 -4.68 2.53
CA ARG B 19 -2.70 -3.56 1.60
C ARG B 19 -3.79 -3.73 0.56
N VAL B 20 -4.01 -4.96 0.09
CA VAL B 20 -4.95 -5.18 -1.00
C VAL B 20 -6.40 -5.06 -0.50
N THR B 21 -6.67 -5.58 0.70
CA THR B 21 -8.03 -5.56 1.23
C THR B 21 -8.32 -4.35 2.10
N GLY B 22 -7.30 -3.73 2.69
CA GLY B 22 -7.55 -2.68 3.66
C GLY B 22 -8.10 -3.15 4.98
N ASP B 23 -8.15 -4.46 5.21
CA ASP B 23 -8.64 -5.00 6.48
C ASP B 23 -7.50 -5.08 7.47
N PRO B 24 -7.56 -4.35 8.60
CA PRO B 24 -6.47 -4.44 9.58
C PRO B 24 -6.36 -5.79 10.26
N LYS B 25 -7.30 -6.70 10.02
CA LYS B 25 -7.18 -8.06 10.54
C LYS B 25 -5.88 -8.72 10.08
N TYR B 26 -5.51 -8.52 8.82
CA TYR B 26 -4.27 -9.11 8.32
C TYR B 26 -3.05 -8.48 8.98
N LEU B 27 -3.15 -7.21 9.38
CA LEU B 27 -2.05 -6.56 10.09
C LEU B 27 -1.79 -7.25 11.43
N GLU B 28 -2.84 -7.66 12.13
CA GLU B 28 -2.66 -8.39 13.38
C GLU B 28 -2.07 -9.77 13.13
N GLU B 29 -2.42 -10.41 12.01
CA GLU B 29 -1.84 -11.69 11.68
C GLU B 29 -0.34 -11.57 11.44
N ALA B 30 0.08 -10.52 10.74
CA ALA B 30 1.51 -10.31 10.49
C ALA B 30 2.27 -10.08 11.79
N LYS B 31 1.71 -9.27 12.70
CA LYS B 31 2.36 -9.04 13.98
C LYS B 31 2.53 -10.32 14.77
N ALA B 32 1.48 -11.16 14.79
CA ALA B 32 1.58 -12.43 15.50
C ALA B 32 2.60 -13.36 14.86
N LEU B 33 2.68 -13.36 13.53
CA LEU B 33 3.68 -14.18 12.85
C LEU B 33 5.10 -13.66 13.11
N LEU B 34 5.26 -12.34 13.16
CA LEU B 34 6.58 -11.78 13.42
C LEU B 34 7.05 -12.06 14.84
N GLU B 35 6.13 -12.13 15.80
CA GLU B 35 6.51 -12.50 17.16
C GLU B 35 6.99 -13.93 17.23
N LYS B 36 6.39 -14.81 16.42
CA LYS B 36 6.86 -16.20 16.36
C LYS B 36 8.26 -16.28 15.76
N LEU B 37 8.57 -15.40 14.80
CA LEU B 37 9.91 -15.37 14.23
C LEU B 37 10.93 -14.89 15.25
N LYS B 38 10.59 -13.86 16.03
CA LYS B 38 11.52 -13.33 17.02
C LYS B 38 11.82 -14.35 18.11
N GLU B 39 10.79 -15.08 18.57
CA GLU B 39 11.02 -16.11 19.58
C GLU B 39 11.85 -17.26 19.03
N LEU B 40 11.67 -17.58 17.74
CA LEU B 40 12.47 -18.64 17.13
C LEU B 40 13.92 -18.23 16.98
N ASP B 41 14.16 -16.99 16.51
CA ASP B 41 15.51 -16.49 16.32
C ASP B 41 15.47 -14.98 16.51
N GLU B 42 16.00 -14.51 17.64
CA GLU B 42 15.99 -13.07 17.93
C GLU B 42 16.88 -12.31 16.96
N GLU B 43 17.90 -12.96 16.40
CA GLU B 43 18.88 -12.29 15.56
C GLU B 43 18.67 -12.56 14.07
N ASP B 44 17.45 -12.94 13.68
CA ASP B 44 17.19 -13.20 12.27
C ASP B 44 17.34 -11.91 11.46
N LYS B 45 18.02 -12.01 10.32
CA LYS B 45 18.37 -10.84 9.53
C LYS B 45 17.16 -10.14 8.94
N ASP B 46 16.00 -10.80 8.91
CA ASP B 46 14.80 -10.24 8.31
C ASP B 46 13.84 -9.65 9.34
N VAL B 47 14.22 -9.64 10.62
CA VAL B 47 13.33 -9.11 11.65
C VAL B 47 13.13 -7.62 11.47
N GLU B 48 14.19 -6.88 11.17
CA GLU B 48 14.08 -5.44 11.01
C GLU B 48 13.23 -5.07 9.80
N LYS B 49 13.37 -5.83 8.70
CA LYS B 49 12.61 -5.52 7.50
C LYS B 49 11.11 -5.69 7.72
N PHE B 50 10.71 -6.76 8.42
CA PHE B 50 9.29 -6.99 8.65
C PHE B 50 8.70 -6.02 9.65
N GLU B 51 9.51 -5.54 10.61
CA GLU B 51 9.03 -4.50 11.52
C GLU B 51 8.72 -3.22 10.76
N LYS B 52 9.58 -2.83 9.82
CA LYS B 52 9.31 -1.65 9.02
C LYS B 52 8.08 -1.82 8.15
N ALA B 53 7.95 -2.99 7.50
CA ALA B 53 6.83 -3.22 6.60
C ALA B 53 5.51 -3.21 7.37
N ILE B 54 5.49 -3.77 8.58
CA ILE B 54 4.26 -3.77 9.37
C ILE B 54 3.89 -2.36 9.78
N LYS B 55 4.87 -1.54 10.15
CA LYS B 55 4.58 -0.17 10.57
C LYS B 55 4.02 0.66 9.42
N GLN B 56 4.62 0.55 8.24
CA GLN B 56 4.17 1.38 7.12
C GLN B 56 2.77 0.96 6.66
N VAL B 57 2.46 -0.34 6.70
CA VAL B 57 1.10 -0.78 6.42
C VAL B 57 0.13 -0.16 7.42
N GLU B 58 0.51 -0.15 8.70
CA GLU B 58 -0.34 0.45 9.72
C GLU B 58 -0.53 1.94 9.46
N ALA B 59 0.54 2.64 9.06
CA ALA B 59 0.41 4.05 8.75
C ALA B 59 -0.44 4.27 7.49
N GLU B 60 -0.32 3.37 6.51
CA GLU B 60 -1.10 3.52 5.28
C GLU B 60 -2.59 3.38 5.54
N LEU B 61 -2.97 2.42 6.40
CA LEU B 61 -4.40 2.23 6.68
C LEU B 61 -4.94 3.40 7.50
N THR B 62 -4.15 3.93 8.43
CA THR B 62 -4.59 5.10 9.18
C THR B 62 -4.65 6.34 8.29
N LEU B 63 -3.69 6.49 7.38
CA LEU B 63 -3.68 7.65 6.49
C LEU B 63 -4.88 7.63 5.55
N LYS B 64 -5.23 6.44 5.04
CA LYS B 64 -6.40 6.32 4.17
C LYS B 64 -7.68 6.73 4.91
N GLU B 65 -7.83 6.26 6.15
CA GLU B 65 -9.01 6.62 6.93
C GLU B 65 -9.02 8.11 7.26
N ALA B 66 -7.83 8.69 7.50
CA ALA B 66 -7.77 10.11 7.82
C ALA B 66 -8.17 10.98 6.64
N LYS B 67 -7.72 10.62 5.43
CA LYS B 67 -8.04 11.41 4.24
C LYS B 67 -9.53 11.39 3.95
N GLU B 68 -10.22 10.28 4.25
CA GLU B 68 -11.64 10.19 3.95
C GLU B 68 -12.48 10.99 4.93
N VAL B 69 -12.10 11.00 6.21
CA VAL B 69 -12.90 11.65 7.24
C VAL B 69 -12.76 13.17 7.16
N VAL B 70 -11.52 13.66 7.11
CA VAL B 70 -11.30 15.10 7.19
C VAL B 70 -11.79 15.79 5.91
N LYS B 71 -11.58 15.16 4.75
CA LYS B 71 -12.07 15.73 3.50
C LYS B 71 -13.60 15.83 3.49
N ARG B 72 -14.27 14.83 4.07
CA ARG B 72 -15.73 14.87 4.14
C ARG B 72 -16.22 15.95 5.09
N LEU B 73 -15.60 16.06 6.27
CA LEU B 73 -16.06 17.03 7.27
C LEU B 73 -15.84 18.46 6.80
N PHE B 74 -14.74 18.73 6.08
CA PHE B 74 -14.53 20.06 5.51
C PHE B 74 -15.51 20.34 4.37
N GLU B 75 -15.90 19.30 3.62
CA GLU B 75 -16.84 19.49 2.52
C GLU B 75 -18.25 19.76 3.03
N GLU B 76 -18.63 19.14 4.15
CA GLU B 76 -19.96 19.34 4.73
C GLU B 76 -20.07 20.65 5.51
N GLY B 77 -19.04 21.48 5.49
CA GLY B 77 -19.10 22.75 6.18
C GLY B 77 -18.91 22.67 7.68
N ARG B 78 -18.11 21.71 8.16
CA ARG B 78 -17.84 21.52 9.58
C ARG B 78 -16.34 21.66 9.80
N PRO B 79 -15.82 22.89 9.80
CA PRO B 79 -14.36 23.07 9.89
C PRO B 79 -13.78 22.71 11.24
N GLU B 80 -14.51 22.97 12.34
CA GLU B 80 -13.98 22.71 13.66
C GLU B 80 -13.91 21.21 13.95
N ASP B 81 -14.87 20.44 13.44
CA ASP B 81 -14.81 18.99 13.61
C ASP B 81 -13.73 18.38 12.73
N ALA B 82 -13.54 18.91 11.53
CA ALA B 82 -12.50 18.39 10.64
C ALA B 82 -11.11 18.61 11.20
N ALA B 83 -10.89 19.76 11.83
CA ALA B 83 -9.59 20.03 12.44
C ALA B 83 -9.33 19.12 13.64
N ARG B 84 -10.37 18.89 14.45
CA ARG B 84 -10.20 18.03 15.62
C ARG B 84 -9.85 16.61 15.22
N GLU B 85 -10.52 16.08 14.18
CA GLU B 85 -10.19 14.74 13.69
C GLU B 85 -8.80 14.71 13.07
N ALA B 86 -8.44 15.76 12.33
CA ALA B 86 -7.13 15.80 11.69
C ALA B 86 -6.01 15.81 12.72
N PHE B 87 -6.19 16.53 13.83
CA PHE B 87 -5.17 16.58 14.86
C PHE B 87 -4.94 15.21 15.48
N GLU B 88 -6.00 14.43 15.68
CA GLU B 88 -5.86 13.12 16.30
C GLU B 88 -5.31 12.09 15.32
N TYR B 89 -5.65 12.21 14.03
CA TYR B 89 -5.04 11.33 13.04
C TYR B 89 -3.56 11.66 12.84
N LEU B 90 -3.19 12.93 12.94
CA LEU B 90 -1.78 13.28 12.95
C LEU B 90 -1.07 12.73 14.18
N GLN B 91 -1.77 12.75 15.33
CA GLN B 91 -1.19 12.15 16.53
C GLN B 91 -0.96 10.66 16.35
N LYS B 92 -1.95 9.95 15.77
CA LYS B 92 -1.81 8.52 15.57
C LYS B 92 -0.66 8.19 14.62
N LEU B 93 -0.52 8.96 13.53
CA LEU B 93 0.55 8.70 12.58
C LEU B 93 1.92 8.95 13.21
N LEU B 94 2.02 9.96 14.08
CA LEU B 94 3.27 10.21 14.80
C LEU B 94 3.58 9.10 15.78
N ASP B 95 2.55 8.51 16.41
CA ASP B 95 2.79 7.40 17.32
C ASP B 95 3.24 6.14 16.58
N ILE B 96 2.67 5.89 15.40
CA ILE B 96 3.09 4.75 14.59
C ILE B 96 4.54 4.91 14.16
N GLY B 97 4.93 6.14 13.78
CA GLY B 97 6.29 6.39 13.35
C GLY B 97 6.45 6.23 11.85
N SER B 98 5.97 7.21 11.09
CA SER B 98 6.07 7.18 9.64
C SER B 98 6.12 8.61 9.14
N PRO B 99 7.33 9.15 8.95
CA PRO B 99 7.43 10.55 8.49
C PRO B 99 6.77 10.80 7.15
N GLU B 100 6.78 9.80 6.26
CA GLU B 100 6.19 9.98 4.93
C GLU B 100 4.68 10.10 5.00
N ALA B 101 4.05 9.34 5.91
CA ALA B 101 2.60 9.43 6.07
C ALA B 101 2.20 10.73 6.75
N VAL B 102 2.95 11.15 7.77
CA VAL B 102 2.67 12.43 8.43
C VAL B 102 2.85 13.58 7.44
N LYS B 103 3.91 13.53 6.64
CA LYS B 103 4.14 14.58 5.66
C LYS B 103 3.07 14.61 4.59
N GLU B 104 2.54 13.43 4.21
CA GLU B 104 1.53 13.40 3.16
C GLU B 104 0.17 13.90 3.67
N LEU B 105 -0.17 13.57 4.92
CA LEU B 105 -1.43 14.06 5.48
C LEU B 105 -1.42 15.58 5.58
N LEU B 106 -0.29 16.16 5.98
CA LEU B 106 -0.21 17.62 6.08
C LEU B 106 -0.25 18.25 4.70
N GLN B 107 0.38 17.63 3.71
CA GLN B 107 0.27 18.12 2.33
C GLN B 107 -1.15 17.97 1.81
N PHE B 108 -1.82 16.88 2.19
CA PHE B 108 -3.22 16.69 1.83
C PHE B 108 -4.11 17.76 2.44
N LEU B 109 -3.79 18.19 3.67
CA LEU B 109 -4.63 19.18 4.35
C LEU B 109 -4.43 20.58 3.76
N ARG B 110 -3.19 20.94 3.42
CA ARG B 110 -2.95 22.26 2.87
C ARG B 110 -3.51 22.40 1.46
N GLU B 111 -3.57 21.31 0.70
CA GLU B 111 -4.22 21.35 -0.60
C GLU B 111 -5.74 21.48 -0.46
N LEU B 112 -6.30 20.84 0.56
CA LEU B 112 -7.74 20.90 0.79
C LEU B 112 -8.17 22.32 1.16
N LEU B 113 -7.44 22.97 2.06
CA LEU B 113 -7.77 24.32 2.48
C LEU B 113 -7.15 25.36 1.55
#